data_3IWT
#
_entry.id   3IWT
#
_cell.length_a   136.675
_cell.length_b   136.675
_cell.length_c   210.525
_cell.angle_alpha   90.00
_cell.angle_beta   90.00
_cell.angle_gamma   120.00
#
_symmetry.space_group_name_H-M   'P 64 2 2'
#
loop_
_entity.id
_entity.type
_entity.pdbx_description
1 polymer '178aa long hypothetical molybdenum cofactor biosynthesis protein B'
2 non-polymer DI(HYDROXYETHYL)ETHER
3 non-polymer 'MAGNESIUM ION'
4 non-polymer GLYCEROL
5 water water
#
_entity_poly.entity_id   1
_entity_poly.type   'polypeptide(L)'
_entity_poly.pdbx_seq_one_letter_code
;MSHAHKKHKENAPKSLNFYVITISTSRYEKLLKKEPIVDESGDIIKQLLIENGHKIIGYSLVPDDKIKILKAFTDALSID
EVDVIISTGGTGYSPTDITVETIRKLFDREIEGFSDVFRLVSFNDPEVKAAAYLTKASAGIIGKKIVYLLPGSPDAVKLA
LKELILPEVGHLVYLVRS
;
_entity_poly.pdbx_strand_id   A,B,C
#
loop_
_chem_comp.id
_chem_comp.type
_chem_comp.name
_chem_comp.formula
GOL non-polymer GLYCEROL 'C3 H8 O3'
MG non-polymer 'MAGNESIUM ION' 'Mg 2'
PEG non-polymer DI(HYDROXYETHYL)ETHER 'C4 H10 O3'
#
# COMPACT_ATOMS: atom_id res chain seq x y z
N PRO A 13 13.72 -27.52 6.19
CA PRO A 13 12.42 -27.00 5.77
C PRO A 13 11.59 -28.03 5.02
N LYS A 14 10.27 -27.93 5.13
CA LYS A 14 9.37 -28.85 4.42
C LYS A 14 9.45 -28.65 2.90
N SER A 15 9.25 -29.74 2.16
CA SER A 15 8.89 -29.67 0.76
C SER A 15 7.40 -29.32 0.75
N LEU A 16 7.03 -28.28 0.02
CA LEU A 16 5.63 -27.86 -0.12
C LEU A 16 5.13 -28.19 -1.52
N ASN A 17 3.82 -28.37 -1.64
CA ASN A 17 3.14 -28.68 -2.91
C ASN A 17 2.52 -27.42 -3.55
N PHE A 18 2.90 -27.16 -4.80
CA PHE A 18 2.51 -25.94 -5.51
C PHE A 18 1.65 -26.30 -6.71
N TYR A 19 0.66 -25.44 -7.00
CA TYR A 19 -0.12 -25.51 -8.22
C TYR A 19 0.13 -24.22 -9.00
N VAL A 20 0.42 -24.35 -10.30
CA VAL A 20 0.85 -23.20 -11.10
C VAL A 20 -0.22 -22.88 -12.13
N ILE A 21 -0.62 -21.61 -12.22
CA ILE A 21 -1.65 -21.21 -13.17
C ILE A 21 -1.14 -20.11 -14.08
N THR A 22 -1.18 -20.34 -15.39
CA THR A 22 -0.74 -19.31 -16.33
C THR A 22 -1.97 -18.65 -16.91
N ILE A 23 -2.04 -17.31 -16.83
CA ILE A 23 -3.17 -16.54 -17.34
C ILE A 23 -2.67 -15.75 -18.55
N SER A 24 -2.99 -16.26 -19.74
CA SER A 24 -2.51 -15.71 -21.03
C SER A 24 -3.48 -16.06 -22.14
N THR A 25 -4.12 -15.05 -22.70
CA THR A 25 -5.10 -15.27 -23.78
C THR A 25 -4.40 -15.80 -25.04
N SER A 26 -3.27 -15.21 -25.42
CA SER A 26 -2.55 -15.64 -26.64
C SER A 26 -2.18 -17.12 -26.55
N ARG A 27 -1.60 -17.52 -25.42
CA ARG A 27 -1.19 -18.91 -25.23
C ARG A 27 -2.41 -19.85 -25.16
N TYR A 28 -3.47 -19.41 -24.50
CA TYR A 28 -4.68 -20.23 -24.41
C TYR A 28 -5.27 -20.49 -25.80
N GLU A 29 -5.34 -19.46 -26.62
CA GLU A 29 -5.89 -19.60 -27.97
CA GLU A 29 -5.88 -19.59 -27.97
C GLU A 29 -5.08 -20.58 -28.82
N LYS A 30 -3.76 -20.58 -28.67
CA LYS A 30 -2.87 -21.56 -29.34
C LYS A 30 -3.12 -23.00 -28.84
N LEU A 31 -3.30 -23.15 -27.53
CA LEU A 31 -3.66 -24.43 -26.92
C LEU A 31 -4.95 -24.97 -27.55
N LEU A 32 -5.93 -24.09 -27.78
CA LEU A 32 -7.19 -24.51 -28.42
C LEU A 32 -6.97 -24.99 -29.86
N LYS A 33 -6.10 -24.31 -30.59
CA LYS A 33 -5.72 -24.71 -31.96
C LYS A 33 -4.65 -25.81 -32.00
N LYS A 34 -4.32 -26.38 -30.85
CA LYS A 34 -3.32 -27.45 -30.73
C LYS A 34 -1.95 -27.05 -31.29
N GLU A 35 -1.62 -25.76 -31.20
CA GLU A 35 -0.36 -25.23 -31.71
C GLU A 35 0.69 -25.19 -30.60
N PRO A 36 1.97 -25.19 -30.95
CA PRO A 36 3.01 -25.11 -29.92
C PRO A 36 3.00 -23.79 -29.17
N ILE A 37 3.13 -23.86 -27.85
CA ILE A 37 3.25 -22.65 -27.01
C ILE A 37 4.51 -22.74 -26.16
N VAL A 38 5.10 -21.59 -25.85
CA VAL A 38 6.16 -21.50 -24.85
C VAL A 38 5.63 -20.64 -23.71
N ASP A 39 5.67 -21.18 -22.50
CA ASP A 39 5.23 -20.51 -21.30
C ASP A 39 6.45 -20.25 -20.45
N GLU A 40 7.18 -19.19 -20.79
CA GLU A 40 8.45 -18.88 -20.14
CA GLU A 40 8.45 -18.92 -20.12
C GLU A 40 8.26 -18.67 -18.64
N SER A 41 7.26 -17.87 -18.28
CA SER A 41 7.01 -17.56 -16.87
C SER A 41 6.60 -18.77 -16.05
N GLY A 42 5.67 -19.57 -16.57
CA GLY A 42 5.26 -20.80 -15.86
C GLY A 42 6.43 -21.74 -15.69
N ASP A 43 7.25 -21.86 -16.73
CA ASP A 43 8.45 -22.71 -16.73
C ASP A 43 9.46 -22.28 -15.67
N ILE A 44 9.68 -20.97 -15.56
CA ILE A 44 10.57 -20.41 -14.53
C ILE A 44 10.07 -20.74 -13.11
N ILE A 45 8.77 -20.60 -12.88
CA ILE A 45 8.17 -20.89 -11.58
C ILE A 45 8.39 -22.36 -11.22
N LYS A 46 8.08 -23.25 -12.15
CA LYS A 46 8.26 -24.69 -11.93
C LYS A 46 9.71 -25.06 -11.61
N GLN A 47 10.61 -24.57 -12.46
CA GLN A 47 12.06 -24.82 -12.39
C GLN A 47 12.61 -24.39 -11.02
N LEU A 48 12.29 -23.15 -10.62
CA LEU A 48 12.79 -22.58 -9.37
C LEU A 48 12.20 -23.27 -8.16
N LEU A 49 10.88 -23.53 -8.21
CA LEU A 49 10.20 -24.22 -7.13
C LEU A 49 10.77 -25.61 -6.92
N ILE A 50 11.00 -26.36 -8.01
CA ILE A 50 11.66 -27.70 -7.98
C ILE A 50 13.14 -27.71 -7.56
N GLU A 51 13.87 -26.72 -8.05
CA GLU A 51 15.28 -26.54 -7.69
CA GLU A 51 15.29 -26.58 -7.69
C GLU A 51 15.43 -26.32 -6.19
N ASN A 52 14.37 -25.78 -5.57
CA ASN A 52 14.37 -25.48 -4.14
C ASN A 52 13.69 -26.53 -3.25
N GLY A 53 13.34 -27.69 -3.85
CA GLY A 53 12.99 -28.85 -3.01
C GLY A 53 11.50 -29.04 -2.91
N HIS A 54 10.75 -28.17 -3.60
CA HIS A 54 9.29 -28.25 -3.61
C HIS A 54 8.77 -29.10 -4.77
N LYS A 55 7.48 -29.36 -4.75
CA LYS A 55 6.81 -30.19 -5.75
C LYS A 55 5.75 -29.41 -6.52
N ILE A 56 5.61 -29.72 -7.81
CA ILE A 56 4.51 -29.15 -8.61
C ILE A 56 3.48 -30.23 -8.73
N ILE A 57 2.30 -30.02 -8.17
CA ILE A 57 1.31 -31.06 -8.26
C ILE A 57 0.19 -30.77 -9.25
N GLY A 58 0.18 -29.58 -9.86
CA GLY A 58 -0.71 -29.34 -10.97
C GLY A 58 -0.43 -28.04 -11.69
N TYR A 59 -1.03 -27.91 -12.86
CA TYR A 59 -0.80 -26.74 -13.74
C TYR A 59 -2.01 -26.54 -14.63
N SER A 60 -2.35 -25.28 -14.89
CA SER A 60 -3.40 -24.99 -15.85
C SER A 60 -3.10 -23.69 -16.59
N LEU A 61 -3.68 -23.57 -17.78
CA LEU A 61 -3.51 -22.40 -18.61
C LEU A 61 -4.89 -21.91 -19.00
N VAL A 62 -5.14 -20.63 -18.75
CA VAL A 62 -6.45 -20.01 -18.99
C VAL A 62 -6.24 -18.63 -19.62
N PRO A 63 -7.26 -18.11 -20.33
CA PRO A 63 -7.20 -16.75 -20.86
C PRO A 63 -7.67 -15.71 -19.82
N ASP A 64 -7.69 -14.44 -20.21
CA ASP A 64 -8.22 -13.35 -19.37
C ASP A 64 -9.76 -13.35 -19.36
N ASP A 65 -10.33 -14.36 -18.74
CA ASP A 65 -11.78 -14.53 -18.70
C ASP A 65 -12.13 -14.86 -17.26
N LYS A 66 -13.07 -14.11 -16.69
CA LYS A 66 -13.38 -14.18 -15.25
C LYS A 66 -13.74 -15.61 -14.84
N ILE A 67 -14.70 -16.21 -15.54
CA ILE A 67 -15.18 -17.55 -15.21
CA ILE A 67 -15.18 -17.53 -15.19
C ILE A 67 -14.09 -18.59 -15.34
N LYS A 68 -13.31 -18.52 -16.42
CA LYS A 68 -12.21 -19.46 -16.61
C LYS A 68 -11.12 -19.34 -15.55
N ILE A 69 -10.88 -18.12 -15.09
CA ILE A 69 -9.87 -17.87 -14.07
C ILE A 69 -10.39 -18.38 -12.72
N LEU A 70 -11.66 -18.11 -12.41
CA LEU A 70 -12.26 -18.67 -11.19
C LEU A 70 -12.20 -20.21 -11.17
N LYS A 71 -12.58 -20.84 -12.27
CA LYS A 71 -12.54 -22.30 -12.36
C LYS A 71 -11.13 -22.86 -12.17
N ALA A 72 -10.12 -22.22 -12.78
CA ALA A 72 -8.71 -22.65 -12.59
C ALA A 72 -8.30 -22.60 -11.11
N PHE A 73 -8.68 -21.53 -10.42
CA PHE A 73 -8.37 -21.40 -9.00
C PHE A 73 -9.15 -22.36 -8.08
N THR A 74 -10.45 -22.50 -8.32
CA THR A 74 -11.25 -23.45 -7.51
C THR A 74 -10.84 -24.90 -7.72
N ASP A 75 -10.49 -25.26 -8.95
CA ASP A 75 -9.94 -26.57 -9.24
C ASP A 75 -8.69 -26.83 -8.39
N ALA A 76 -7.82 -25.84 -8.26
CA ALA A 76 -6.58 -25.98 -7.49
C ALA A 76 -6.85 -25.99 -5.98
N LEU A 77 -7.73 -25.11 -5.54
CA LEU A 77 -8.12 -25.01 -4.13
C LEU A 77 -8.79 -26.28 -3.63
N SER A 78 -9.41 -27.03 -4.54
CA SER A 78 -10.15 -28.24 -4.19
CA SER A 78 -10.16 -28.24 -4.20
C SER A 78 -9.30 -29.48 -4.04
N ILE A 79 -8.00 -29.36 -4.31
CA ILE A 79 -7.05 -30.45 -4.13
C ILE A 79 -6.42 -30.30 -2.76
N ASP A 80 -6.72 -31.23 -1.85
CA ASP A 80 -6.29 -31.08 -0.47
CA ASP A 80 -6.29 -31.12 -0.45
C ASP A 80 -4.78 -30.97 -0.30
N GLU A 81 -4.04 -31.68 -1.15
CA GLU A 81 -2.58 -31.71 -1.09
C GLU A 81 -1.92 -30.38 -1.49
N VAL A 82 -2.64 -29.52 -2.22
CA VAL A 82 -2.06 -28.23 -2.62
C VAL A 82 -1.79 -27.36 -1.39
N ASP A 83 -0.57 -26.86 -1.25
CA ASP A 83 -0.24 -25.90 -0.18
C ASP A 83 -0.29 -24.45 -0.65
N VAL A 84 0.20 -24.21 -1.87
CA VAL A 84 0.35 -22.86 -2.39
C VAL A 84 -0.05 -22.89 -3.88
N ILE A 85 -0.74 -21.82 -4.28
CA ILE A 85 -1.10 -21.58 -5.67
C ILE A 85 -0.35 -20.32 -6.11
N ILE A 86 0.31 -20.42 -7.26
CA ILE A 86 0.98 -19.28 -7.88
C ILE A 86 0.45 -19.09 -9.29
N SER A 87 -0.03 -17.88 -9.58
CA SER A 87 -0.43 -17.56 -10.93
C SER A 87 0.50 -16.54 -11.54
N THR A 88 0.62 -16.59 -12.85
CA THR A 88 1.35 -15.58 -13.59
C THR A 88 0.49 -15.02 -14.70
N GLY A 89 0.33 -13.69 -14.71
CA GLY A 89 -0.41 -12.95 -15.73
C GLY A 89 -1.62 -12.18 -15.23
N GLY A 90 -1.80 -11.02 -15.85
CA GLY A 90 -3.02 -10.23 -15.71
C GLY A 90 -3.14 -9.35 -14.48
N THR A 91 -2.00 -8.90 -13.95
CA THR A 91 -1.97 -8.09 -12.74
C THR A 91 -1.60 -6.61 -12.99
N GLY A 92 -1.64 -6.16 -14.24
CA GLY A 92 -1.36 -4.80 -14.58
C GLY A 92 -2.59 -4.00 -14.97
N TYR A 93 -2.36 -2.97 -15.78
CA TYR A 93 -3.43 -2.03 -16.14
C TYR A 93 -3.83 -2.09 -17.61
N SER A 94 -3.47 -3.16 -18.32
CA SER A 94 -4.15 -3.44 -19.58
C SER A 94 -5.67 -3.57 -19.32
N PRO A 95 -6.50 -3.09 -20.27
CA PRO A 95 -7.93 -3.19 -20.15
C PRO A 95 -8.38 -4.63 -19.88
N THR A 96 -7.60 -5.60 -20.33
CA THR A 96 -7.99 -7.01 -20.20
C THR A 96 -7.39 -7.72 -18.99
N ASP A 97 -6.53 -7.04 -18.23
CA ASP A 97 -5.97 -7.57 -16.98
C ASP A 97 -7.03 -7.57 -15.85
N ILE A 98 -7.48 -8.77 -15.46
CA ILE A 98 -8.56 -8.91 -14.47
C ILE A 98 -8.26 -9.94 -13.33
N THR A 99 -7.03 -10.40 -13.25
CA THR A 99 -6.67 -11.47 -12.31
C THR A 99 -6.90 -11.05 -10.86
N VAL A 100 -6.40 -9.87 -10.51
CA VAL A 100 -6.49 -9.35 -9.13
C VAL A 100 -7.93 -9.05 -8.73
N GLU A 101 -8.68 -8.45 -9.64
CA GLU A 101 -10.05 -8.09 -9.41
C GLU A 101 -10.93 -9.34 -9.31
N THR A 102 -10.52 -10.41 -9.97
CA THR A 102 -11.24 -11.65 -9.93
C THR A 102 -10.94 -12.45 -8.63
N ILE A 103 -9.66 -12.59 -8.26
CA ILE A 103 -9.27 -13.51 -7.20
C ILE A 103 -9.12 -12.89 -5.82
N ARG A 104 -8.66 -11.63 -5.76
CA ARG A 104 -8.31 -11.02 -4.50
C ARG A 104 -9.50 -10.99 -3.56
N LYS A 105 -10.68 -10.88 -4.13
CA LYS A 105 -11.92 -10.85 -3.40
C LYS A 105 -12.19 -12.12 -2.61
N LEU A 106 -11.65 -13.24 -3.11
CA LEU A 106 -11.87 -14.55 -2.54
C LEU A 106 -11.01 -14.89 -1.33
N PHE A 107 -10.00 -14.08 -1.07
CA PHE A 107 -9.10 -14.32 0.04
C PHE A 107 -9.87 -14.29 1.35
N ASP A 108 -9.62 -15.25 2.22
CA ASP A 108 -10.03 -15.11 3.62
C ASP A 108 -9.38 -13.86 4.26
N ARG A 109 -8.07 -13.72 4.05
CA ARG A 109 -7.25 -12.58 4.49
CA ARG A 109 -7.26 -12.56 4.48
C ARG A 109 -6.30 -12.23 3.34
N GLU A 110 -6.23 -10.94 2.95
CA GLU A 110 -5.19 -10.50 2.01
CA GLU A 110 -5.20 -10.47 2.04
C GLU A 110 -3.89 -10.41 2.80
N ILE A 111 -2.80 -10.85 2.18
CA ILE A 111 -1.48 -10.59 2.78
C ILE A 111 -1.11 -9.21 2.22
N GLU A 112 -1.53 -8.19 2.97
CA GLU A 112 -1.64 -6.84 2.47
C GLU A 112 -0.29 -6.32 1.98
N GLY A 113 0.76 -6.60 2.77
CA GLY A 113 2.10 -6.12 2.50
C GLY A 113 2.81 -6.75 1.32
N PHE A 114 2.32 -7.87 0.79
CA PHE A 114 2.97 -8.44 -0.36
C PHE A 114 2.99 -7.46 -1.55
N SER A 115 1.87 -6.76 -1.77
CA SER A 115 1.76 -5.85 -2.91
CA SER A 115 1.76 -5.84 -2.90
C SER A 115 2.82 -4.71 -2.87
N ASP A 116 2.92 -4.01 -1.76
CA ASP A 116 3.92 -2.92 -1.67
C ASP A 116 5.37 -3.37 -1.57
N VAL A 117 5.62 -4.48 -0.86
CA VAL A 117 6.97 -5.02 -0.78
C VAL A 117 7.44 -5.55 -2.15
N PHE A 118 6.54 -6.14 -2.93
CA PHE A 118 6.89 -6.54 -4.29
C PHE A 118 7.20 -5.31 -5.15
N ARG A 119 6.43 -4.25 -4.98
CA ARG A 119 6.70 -3.02 -5.73
C ARG A 119 8.03 -2.39 -5.27
N LEU A 120 8.39 -2.55 -4.00
CA LEU A 120 9.66 -2.04 -3.47
C LEU A 120 10.88 -2.73 -4.16
N VAL A 121 10.89 -4.05 -4.16
CA VAL A 121 11.97 -4.80 -4.81
C VAL A 121 11.98 -4.60 -6.33
N SER A 122 10.80 -4.44 -6.93
CA SER A 122 10.66 -4.14 -8.37
C SER A 122 11.24 -2.79 -8.71
N PHE A 123 10.91 -1.78 -7.90
CA PHE A 123 11.47 -0.43 -8.06
C PHE A 123 13.01 -0.42 -8.08
N ASN A 124 13.60 -1.27 -7.26
CA ASN A 124 15.05 -1.43 -7.22
C ASN A 124 15.64 -2.05 -8.45
N ASP A 125 14.87 -2.74 -9.27
CA ASP A 125 15.46 -3.24 -10.52
C ASP A 125 15.69 -2.08 -11.49
N PRO A 126 16.96 -1.82 -11.89
CA PRO A 126 17.21 -0.67 -12.77
C PRO A 126 16.50 -0.69 -14.12
N GLU A 127 16.01 -1.86 -14.54
CA GLU A 127 15.19 -1.95 -15.75
C GLU A 127 13.69 -1.77 -15.48
N VAL A 128 13.29 -1.55 -14.22
CA VAL A 128 11.87 -1.38 -13.87
C VAL A 128 11.66 0.04 -13.28
N LYS A 129 12.31 0.32 -12.16
CA LYS A 129 12.24 1.64 -11.53
C LYS A 129 10.75 2.01 -11.37
N ALA A 130 10.32 3.17 -11.87
CA ALA A 130 8.98 3.67 -11.60
C ALA A 130 7.87 2.82 -12.20
N ALA A 131 8.19 2.00 -13.20
CA ALA A 131 7.22 1.05 -13.71
C ALA A 131 6.65 0.16 -12.59
N ALA A 132 7.33 0.13 -11.44
CA ALA A 132 6.86 -0.61 -10.27
C ALA A 132 5.41 -0.25 -9.89
N TYR A 133 4.99 1.02 -10.08
CA TYR A 133 3.63 1.37 -9.66
C TYR A 133 2.56 0.88 -10.61
N LEU A 134 2.98 0.24 -11.71
CA LEU A 134 2.02 -0.29 -12.69
C LEU A 134 1.71 -1.81 -12.53
N THR A 135 2.07 -2.39 -11.38
CA THR A 135 1.63 -3.77 -11.05
C THR A 135 0.76 -3.80 -9.79
N LYS A 136 -0.15 -4.77 -9.75
CA LYS A 136 -1.02 -5.05 -8.62
C LYS A 136 -0.82 -6.50 -8.09
N ALA A 137 0.35 -7.08 -8.39
CA ALA A 137 0.72 -8.38 -7.85
C ALA A 137 0.36 -8.41 -6.36
N SER A 138 -0.28 -9.52 -5.95
CA SER A 138 -0.94 -9.64 -4.64
C SER A 138 -0.79 -11.05 -4.11
N ALA A 139 -1.00 -11.21 -2.80
CA ALA A 139 -0.97 -12.51 -2.11
C ALA A 139 -2.10 -12.55 -1.07
N GLY A 140 -2.55 -13.76 -0.75
CA GLY A 140 -3.60 -13.97 0.21
C GLY A 140 -3.66 -15.41 0.70
N ILE A 141 -4.63 -15.64 1.57
CA ILE A 141 -4.80 -16.91 2.25
C ILE A 141 -6.26 -17.33 2.02
N ILE A 142 -6.46 -18.56 1.55
CA ILE A 142 -7.80 -19.16 1.46
C ILE A 142 -7.75 -20.52 2.10
N GLY A 143 -8.55 -20.74 3.15
CA GLY A 143 -8.45 -21.97 3.93
C GLY A 143 -7.06 -21.99 4.55
N LYS A 144 -6.35 -23.09 4.37
CA LYS A 144 -5.00 -23.23 4.88
C LYS A 144 -3.96 -23.13 3.76
N LYS A 145 -4.37 -22.52 2.65
CA LYS A 145 -3.53 -22.38 1.46
C LYS A 145 -3.13 -20.93 1.20
N ILE A 146 -1.95 -20.74 0.62
CA ILE A 146 -1.44 -19.43 0.28
C ILE A 146 -1.61 -19.26 -1.23
N VAL A 147 -1.89 -18.04 -1.65
CA VAL A 147 -2.08 -17.74 -3.07
C VAL A 147 -1.24 -16.53 -3.42
N TYR A 148 -0.43 -16.64 -4.50
CA TYR A 148 0.36 -15.53 -5.00
C TYR A 148 -0.09 -15.24 -6.42
N LEU A 149 -0.49 -14.00 -6.67
CA LEU A 149 -0.90 -13.55 -7.99
C LEU A 149 0.21 -12.69 -8.56
N LEU A 150 0.97 -13.26 -9.49
CA LEU A 150 2.16 -12.61 -10.03
C LEU A 150 1.97 -12.01 -11.42
N PRO A 151 2.83 -11.07 -11.81
CA PRO A 151 2.77 -10.55 -13.20
C PRO A 151 3.11 -11.57 -14.30
N GLY A 152 2.78 -11.20 -15.53
CA GLY A 152 3.08 -12.03 -16.70
C GLY A 152 4.57 -12.11 -17.05
N SER A 153 5.28 -11.01 -16.84
CA SER A 153 6.73 -10.87 -17.10
C SER A 153 7.61 -11.96 -16.42
N PRO A 154 8.43 -12.68 -17.20
CA PRO A 154 9.39 -13.66 -16.63
C PRO A 154 10.35 -13.07 -15.58
N ASP A 155 10.83 -11.86 -15.81
CA ASP A 155 11.76 -11.22 -14.87
C ASP A 155 11.04 -10.92 -13.56
N ALA A 156 9.77 -10.49 -13.65
CA ALA A 156 8.95 -10.20 -12.47
C ALA A 156 8.70 -11.45 -11.63
N VAL A 157 8.35 -12.54 -12.31
CA VAL A 157 8.08 -13.78 -11.66
C VAL A 157 9.33 -14.31 -10.94
N LYS A 158 10.46 -14.25 -11.64
CA LYS A 158 11.74 -14.65 -11.06
C LYS A 158 12.02 -13.83 -9.80
N LEU A 159 11.82 -12.51 -9.88
CA LEU A 159 12.05 -11.61 -8.76
C LEU A 159 11.17 -11.96 -7.56
N ALA A 160 9.87 -12.18 -7.80
CA ALA A 160 8.93 -12.51 -6.75
C ALA A 160 9.35 -13.81 -6.07
N LEU A 161 9.67 -14.83 -6.87
CA LEU A 161 10.09 -16.11 -6.30
C LEU A 161 11.35 -16.05 -5.44
N LYS A 162 12.42 -15.48 -5.99
CA LYS A 162 13.69 -15.44 -5.30
C LYS A 162 13.70 -14.53 -4.07
N GLU A 163 13.08 -13.37 -4.18
CA GLU A 163 13.20 -12.40 -3.12
CA GLU A 163 13.14 -12.31 -3.15
C GLU A 163 12.09 -12.52 -2.06
N LEU A 164 10.88 -12.95 -2.45
CA LEU A 164 9.75 -12.94 -1.54
C LEU A 164 9.06 -14.27 -1.22
N ILE A 165 8.88 -15.13 -2.21
CA ILE A 165 8.16 -16.38 -2.00
C ILE A 165 9.06 -17.46 -1.39
N LEU A 166 10.16 -17.80 -2.06
CA LEU A 166 11.02 -18.88 -1.56
C LEU A 166 11.48 -18.66 -0.10
N PRO A 167 11.92 -17.45 0.27
CA PRO A 167 12.41 -17.23 1.66
C PRO A 167 11.38 -17.29 2.80
N GLU A 168 10.12 -16.97 2.51
CA GLU A 168 9.11 -16.85 3.57
C GLU A 168 7.92 -17.79 3.49
N VAL A 169 7.72 -18.47 2.37
CA VAL A 169 6.50 -19.26 2.17
C VAL A 169 6.39 -20.41 3.18
N GLY A 170 7.52 -21.03 3.54
CA GLY A 170 7.52 -22.08 4.55
C GLY A 170 6.93 -21.65 5.86
N HIS A 171 7.43 -20.54 6.40
CA HIS A 171 6.96 -19.97 7.68
C HIS A 171 5.52 -19.50 7.60
N LEU A 172 5.15 -18.92 6.47
CA LEU A 172 3.77 -18.50 6.26
C LEU A 172 2.77 -19.67 6.26
N VAL A 173 3.09 -20.74 5.55
CA VAL A 173 2.25 -21.96 5.60
C VAL A 173 2.12 -22.52 7.04
N TYR A 174 3.26 -22.62 7.71
CA TYR A 174 3.30 -23.04 9.13
C TYR A 174 2.33 -22.15 9.96
N LEU A 175 2.51 -20.85 9.82
CA LEU A 175 1.79 -19.86 10.62
C LEU A 175 0.27 -19.96 10.44
N VAL A 176 -0.14 -20.02 9.17
CA VAL A 176 -1.55 -20.12 8.78
C VAL A 176 -2.22 -21.39 9.29
N ARG A 177 -1.43 -22.44 9.49
CA ARG A 177 -1.92 -23.73 9.94
C ARG A 177 -1.74 -23.99 11.43
N SER A 178 -1.20 -23.01 12.15
CA SER A 178 -0.90 -23.17 13.56
C SER A 178 -2.17 -23.03 14.41
N PRO B 13 8.76 10.13 -28.64
CA PRO B 13 7.66 10.11 -27.69
C PRO B 13 6.58 11.15 -27.98
N LYS B 14 5.36 10.81 -27.63
CA LYS B 14 4.19 11.63 -27.91
C LYS B 14 4.12 12.83 -26.93
N SER B 15 3.79 14.00 -27.47
CA SER B 15 3.33 15.12 -26.66
C SER B 15 1.94 14.73 -26.16
N LEU B 16 1.73 14.82 -24.85
CA LEU B 16 0.42 14.61 -24.24
C LEU B 16 -0.14 15.92 -23.70
N ASN B 17 -1.46 15.95 -23.57
CA ASN B 17 -2.22 17.12 -23.09
C ASN B 17 -2.62 16.95 -21.62
N PHE B 18 -2.20 17.91 -20.81
CA PHE B 18 -2.40 17.88 -19.37
C PHE B 18 -3.33 19.01 -18.93
N TYR B 19 -4.04 18.74 -17.84
CA TYR B 19 -4.91 19.70 -17.18
C TYR B 19 -4.44 19.76 -15.73
N VAL B 20 -4.13 20.97 -15.25
CA VAL B 20 -3.50 21.16 -13.92
C VAL B 20 -4.51 21.79 -12.98
N ILE B 21 -4.68 21.20 -11.82
CA ILE B 21 -5.63 21.68 -10.82
C ILE B 21 -4.94 21.95 -9.50
N THR B 22 -5.03 23.20 -9.04
CA THR B 22 -4.43 23.58 -7.76
C THR B 22 -5.56 23.66 -6.73
N ILE B 23 -5.34 22.99 -5.59
CA ILE B 23 -6.36 22.92 -4.53
C ILE B 23 -5.75 23.60 -3.31
N SER B 24 -6.20 24.82 -3.05
CA SER B 24 -5.64 25.70 -2.02
C SER B 24 -6.68 26.71 -1.62
N THR B 25 -7.19 26.61 -0.40
CA THR B 25 -8.19 27.57 0.06
C THR B 25 -7.65 29.03 0.11
N SER B 26 -6.44 29.21 0.65
CA SER B 26 -5.86 30.57 0.76
C SER B 26 -5.71 31.23 -0.61
N ARG B 27 -5.17 30.48 -1.58
CA ARG B 27 -5.02 31.01 -2.94
C ARG B 27 -6.37 31.25 -3.63
N TYR B 28 -7.33 30.35 -3.44
CA TYR B 28 -8.67 30.54 -4.00
C TYR B 28 -9.35 31.80 -3.45
N GLU B 29 -9.21 32.04 -2.15
CA GLU B 29 -9.78 33.23 -1.52
CA GLU B 29 -9.81 33.23 -1.55
C GLU B 29 -9.20 34.51 -2.13
N LYS B 30 -7.90 34.49 -2.44
CA LYS B 30 -7.26 35.60 -3.14
C LYS B 30 -7.78 35.78 -4.59
N LEU B 31 -7.95 34.65 -5.29
CA LEU B 31 -8.50 34.62 -6.65
C LEU B 31 -9.86 35.32 -6.72
N LEU B 32 -10.73 35.05 -5.74
CA LEU B 32 -12.06 35.62 -5.69
C LEU B 32 -11.99 37.16 -5.63
N LYS B 33 -10.96 37.68 -4.97
CA LYS B 33 -10.78 39.12 -4.84
C LYS B 33 -9.86 39.71 -5.91
N LYS B 34 -9.42 38.85 -6.82
CA LYS B 34 -8.44 39.19 -7.87
C LYS B 34 -7.18 39.84 -7.30
N GLU B 35 -6.75 39.28 -6.17
CA GLU B 35 -5.52 39.68 -5.51
CA GLU B 35 -5.51 39.69 -5.52
C GLU B 35 -4.39 38.82 -6.08
N PRO B 36 -3.13 39.31 -6.10
CA PRO B 36 -2.05 38.47 -6.63
C PRO B 36 -1.84 37.15 -5.86
N ILE B 37 -1.50 36.09 -6.60
CA ILE B 37 -1.33 34.70 -6.12
C ILE B 37 0.01 34.24 -6.64
N VAL B 38 0.74 33.52 -5.81
CA VAL B 38 1.85 32.73 -6.26
C VAL B 38 1.42 31.28 -6.03
N ASP B 39 1.43 30.50 -7.11
CA ASP B 39 1.08 29.08 -7.08
C ASP B 39 2.35 28.35 -7.47
N GLU B 40 3.25 28.19 -6.53
CA GLU B 40 4.57 27.59 -6.82
CA GLU B 40 4.55 27.64 -6.87
C GLU B 40 4.43 26.18 -7.36
N SER B 41 3.55 25.38 -6.72
CA SER B 41 3.43 23.98 -7.10
C SER B 41 2.80 23.79 -8.47
N GLY B 42 1.72 24.51 -8.72
CA GLY B 42 1.09 24.50 -10.04
C GLY B 42 2.07 24.93 -11.13
N ASP B 43 2.88 25.96 -10.84
CA ASP B 43 3.85 26.49 -11.80
C ASP B 43 4.97 25.47 -12.07
N ILE B 44 5.44 24.77 -11.03
CA ILE B 44 6.43 23.70 -11.20
C ILE B 44 5.92 22.62 -12.13
N ILE B 45 4.67 22.19 -11.93
CA ILE B 45 4.04 21.17 -12.77
C ILE B 45 4.00 21.64 -14.23
N LYS B 46 3.50 22.85 -14.45
CA LYS B 46 3.41 23.41 -15.79
C LYS B 46 4.79 23.50 -16.46
N GLN B 47 5.77 24.01 -15.73
CA GLN B 47 7.10 24.19 -16.30
C GLN B 47 7.76 22.86 -16.69
N LEU B 48 7.69 21.88 -15.80
CA LEU B 48 8.30 20.58 -16.07
C LEU B 48 7.63 19.88 -17.25
N LEU B 49 6.31 19.96 -17.32
CA LEU B 49 5.57 19.38 -18.42
C LEU B 49 5.98 20.00 -19.75
N ILE B 50 6.00 21.32 -19.83
CA ILE B 50 6.41 22.02 -21.06
CA ILE B 50 6.39 21.99 -21.08
C ILE B 50 7.86 21.73 -21.45
N GLU B 51 8.75 21.68 -20.47
CA GLU B 51 10.15 21.37 -20.77
C GLU B 51 10.33 19.96 -21.32
N ASN B 52 9.37 19.09 -21.04
CA ASN B 52 9.41 17.72 -21.53
C ASN B 52 8.55 17.51 -22.77
N GLY B 53 8.14 18.60 -23.40
CA GLY B 53 7.44 18.52 -24.69
C GLY B 53 5.94 18.30 -24.64
N HIS B 54 5.35 18.35 -23.44
CA HIS B 54 3.92 18.16 -23.26
C HIS B 54 3.19 19.51 -23.32
N LYS B 55 1.87 19.47 -23.40
CA LYS B 55 1.06 20.69 -23.49
C LYS B 55 0.15 20.83 -22.27
N ILE B 56 -0.10 22.09 -21.87
CA ILE B 56 -1.06 22.38 -20.80
CA ILE B 56 -1.05 22.39 -20.80
C ILE B 56 -2.30 22.93 -21.47
N ILE B 57 -3.39 22.16 -21.45
CA ILE B 57 -4.56 22.65 -22.13
C ILE B 57 -5.61 23.15 -21.19
N GLY B 58 -5.35 23.07 -19.88
CA GLY B 58 -6.24 23.66 -18.93
C GLY B 58 -5.64 23.81 -17.55
N TYR B 59 -6.22 24.74 -16.79
CA TYR B 59 -5.80 25.02 -15.41
C TYR B 59 -6.99 25.54 -14.61
N SER B 60 -7.12 25.11 -13.37
CA SER B 60 -8.10 25.69 -12.46
C SER B 60 -7.55 25.69 -11.03
N LEU B 61 -8.12 26.55 -10.21
CA LEU B 61 -7.73 26.73 -8.83
C LEU B 61 -9.04 26.68 -8.02
N VAL B 62 -9.08 25.83 -7.01
CA VAL B 62 -10.27 25.61 -6.16
C VAL B 62 -9.85 25.53 -4.68
N PRO B 63 -10.77 25.79 -3.74
CA PRO B 63 -10.41 25.60 -2.35
C PRO B 63 -10.66 24.12 -1.92
N ASP B 64 -10.47 23.82 -0.63
CA ASP B 64 -10.75 22.51 -0.06
C ASP B 64 -12.26 22.32 0.16
N ASP B 65 -13.02 22.30 -0.92
CA ASP B 65 -14.49 22.20 -0.88
C ASP B 65 -14.87 21.05 -1.79
N LYS B 66 -15.68 20.10 -1.27
CA LYS B 66 -15.96 18.87 -2.00
C LYS B 66 -16.62 19.16 -3.36
N ILE B 67 -17.69 19.95 -3.37
CA ILE B 67 -18.35 20.28 -4.62
C ILE B 67 -17.44 20.97 -5.64
N LYS B 68 -16.66 21.96 -5.17
CA LYS B 68 -15.78 22.71 -6.07
C LYS B 68 -14.67 21.83 -6.65
N ILE B 69 -14.16 20.90 -5.83
CA ILE B 69 -13.16 19.95 -6.27
C ILE B 69 -13.78 19.01 -7.32
N LEU B 70 -14.98 18.49 -7.04
CA LEU B 70 -15.64 17.62 -8.00
C LEU B 70 -15.87 18.34 -9.33
N LYS B 71 -16.36 19.59 -9.29
CA LYS B 71 -16.57 20.35 -10.51
C LYS B 71 -15.25 20.58 -11.28
N ALA B 72 -14.18 20.92 -10.58
CA ALA B 72 -12.88 21.16 -11.25
C ALA B 72 -12.45 19.93 -12.06
N PHE B 73 -12.57 18.75 -11.44
CA PHE B 73 -12.19 17.50 -12.10
C PHE B 73 -13.14 17.12 -13.21
N THR B 74 -14.45 17.30 -13.02
CA THR B 74 -15.40 16.94 -14.06
C THR B 74 -15.30 17.89 -15.28
N ASP B 75 -15.06 19.17 -15.03
CA ASP B 75 -14.78 20.10 -16.12
C ASP B 75 -13.57 19.63 -16.95
N ALA B 76 -12.50 19.16 -16.29
CA ALA B 76 -11.34 18.61 -17.02
C ALA B 76 -11.63 17.30 -17.73
N LEU B 77 -12.34 16.39 -17.06
CA LEU B 77 -12.72 15.10 -17.67
C LEU B 77 -13.59 15.27 -18.93
N SER B 78 -14.36 16.36 -18.97
CA SER B 78 -15.26 16.67 -20.05
C SER B 78 -14.57 17.19 -21.32
N ILE B 79 -13.28 17.47 -21.24
CA ILE B 79 -12.54 17.92 -22.42
C ILE B 79 -11.92 16.70 -23.09
N ASP B 80 -12.40 16.35 -24.27
CA ASP B 80 -11.97 15.11 -24.96
CA ASP B 80 -11.98 15.09 -24.90
C ASP B 80 -10.47 15.06 -25.14
N GLU B 81 -9.88 16.22 -25.40
CA GLU B 81 -8.44 16.33 -25.70
C GLU B 81 -7.51 16.13 -24.47
N VAL B 82 -8.03 16.22 -23.24
CA VAL B 82 -7.20 15.98 -22.05
C VAL B 82 -6.78 14.53 -21.96
N ASP B 83 -5.49 14.28 -21.77
CA ASP B 83 -4.99 12.92 -21.56
C ASP B 83 -4.75 12.64 -20.08
N VAL B 84 -4.24 13.63 -19.37
CA VAL B 84 -3.83 13.45 -17.98
C VAL B 84 -4.24 14.69 -17.17
N ILE B 85 -4.76 14.44 -15.97
CA ILE B 85 -5.06 15.47 -15.00
C ILE B 85 -4.12 15.31 -13.82
N ILE B 86 -3.46 16.41 -13.44
CA ILE B 86 -2.61 16.44 -12.26
C ILE B 86 -3.09 17.54 -11.33
N SER B 87 -3.34 17.16 -10.08
CA SER B 87 -3.69 18.12 -9.04
C SER B 87 -2.59 18.22 -8.00
N THR B 88 -2.52 19.38 -7.37
CA THR B 88 -1.63 19.61 -6.22
C THR B 88 -2.40 20.19 -5.05
N GLY B 89 -2.29 19.52 -3.89
CA GLY B 89 -2.87 20.01 -2.68
C GLY B 89 -3.92 19.12 -2.05
N GLY B 90 -3.96 19.15 -0.73
CA GLY B 90 -5.01 18.50 0.05
C GLY B 90 -4.93 17.01 0.17
N THR B 91 -3.71 16.45 0.09
CA THR B 91 -3.55 15.00 0.18
C THR B 91 -2.92 14.52 1.51
N GLY B 92 -2.89 15.37 2.53
CA GLY B 92 -2.31 15.02 3.83
C GLY B 92 -3.38 14.83 4.91
N TYR B 93 -3.00 15.06 6.16
CA TYR B 93 -3.85 14.78 7.30
C TYR B 93 -4.29 16.05 8.06
N SER B 94 -4.17 17.19 7.41
CA SER B 94 -4.88 18.34 7.93
C SER B 94 -6.39 18.02 7.93
N PRO B 95 -7.14 18.53 8.91
CA PRO B 95 -8.57 18.25 8.94
C PRO B 95 -9.31 18.65 7.67
N THR B 96 -8.82 19.67 6.98
CA THR B 96 -9.45 20.15 5.76
C THR B 96 -8.95 19.54 4.44
N ASP B 97 -7.99 18.61 4.52
CA ASP B 97 -7.47 17.91 3.35
C ASP B 97 -8.46 16.82 2.95
N ILE B 98 -9.13 17.00 1.81
CA ILE B 98 -10.17 16.06 1.35
C ILE B 98 -10.01 15.63 -0.11
N THR B 99 -8.85 15.92 -0.72
CA THR B 99 -8.71 15.70 -2.16
C THR B 99 -8.86 14.21 -2.54
N VAL B 100 -8.11 13.35 -1.85
CA VAL B 100 -8.08 11.92 -2.16
CA VAL B 100 -8.09 11.91 -2.19
C VAL B 100 -9.44 11.25 -1.87
N GLU B 101 -10.00 11.58 -0.73
CA GLU B 101 -11.30 11.04 -0.34
C GLU B 101 -12.37 11.40 -1.37
N THR B 102 -12.30 12.61 -1.91
CA THR B 102 -13.26 13.13 -2.88
C THR B 102 -13.07 12.45 -4.24
N ILE B 103 -11.85 12.45 -4.76
CA ILE B 103 -11.65 12.04 -6.17
C ILE B 103 -11.45 10.54 -6.36
N ARG B 104 -10.96 9.83 -5.35
CA ARG B 104 -10.96 8.34 -5.48
C ARG B 104 -12.29 7.76 -5.89
N LYS B 105 -13.37 8.43 -5.51
CA LYS B 105 -14.69 7.96 -5.84
C LYS B 105 -15.07 8.15 -7.32
N LEU B 106 -14.24 8.84 -8.08
CA LEU B 106 -14.44 8.98 -9.49
C LEU B 106 -13.70 7.88 -10.26
N PHE B 107 -12.66 7.26 -9.68
CA PHE B 107 -11.80 6.38 -10.47
C PHE B 107 -12.55 5.18 -11.02
N ASP B 108 -12.35 4.85 -12.30
CA ASP B 108 -12.73 3.54 -12.84
C ASP B 108 -11.87 2.46 -12.18
N ARG B 109 -10.55 2.72 -12.12
CA ARG B 109 -9.55 1.83 -11.51
C ARG B 109 -8.54 2.71 -10.79
N GLU B 110 -8.29 2.41 -9.51
CA GLU B 110 -7.22 3.09 -8.80
CA GLU B 110 -7.23 3.04 -8.75
C GLU B 110 -5.89 2.46 -9.22
N ILE B 111 -4.91 3.31 -9.46
CA ILE B 111 -3.57 2.81 -9.74
C ILE B 111 -2.95 2.67 -8.34
N GLU B 112 -3.15 1.48 -7.77
CA GLU B 112 -2.99 1.24 -6.33
C GLU B 112 -1.57 1.51 -5.84
N GLY B 113 -0.60 1.10 -6.66
CA GLY B 113 0.80 1.20 -6.29
C GLY B 113 1.40 2.58 -6.35
N PHE B 114 0.72 3.55 -6.96
CA PHE B 114 1.25 4.89 -7.01
C PHE B 114 1.48 5.42 -5.59
N SER B 115 0.53 5.20 -4.69
CA SER B 115 0.64 5.68 -3.32
CA SER B 115 0.65 5.71 -3.33
C SER B 115 1.92 5.22 -2.61
N ASP B 116 2.13 3.91 -2.53
CA ASP B 116 3.29 3.39 -1.83
C ASP B 116 4.62 3.64 -2.56
N VAL B 117 4.60 3.61 -3.89
CA VAL B 117 5.83 3.90 -4.63
C VAL B 117 6.20 5.39 -4.46
N PHE B 118 5.19 6.30 -4.45
CA PHE B 118 5.50 7.70 -4.16
C PHE B 118 6.07 7.87 -2.74
N ARG B 119 5.53 7.13 -1.77
CA ARG B 119 6.03 7.20 -0.41
C ARG B 119 7.44 6.60 -0.29
N LEU B 120 7.74 5.60 -1.11
CA LEU B 120 9.09 5.02 -1.18
C LEU B 120 10.13 6.05 -1.63
N VAL B 121 9.87 6.72 -2.74
CA VAL B 121 10.81 7.72 -3.24
C VAL B 121 10.89 8.95 -2.30
N SER B 122 9.78 9.27 -1.66
CA SER B 122 9.75 10.37 -0.68
C SER B 122 10.57 10.01 0.55
N PHE B 123 10.38 8.79 1.07
CA PHE B 123 11.13 8.33 2.24
C PHE B 123 12.64 8.38 2.01
N ASN B 124 13.03 8.03 0.79
CA ASN B 124 14.42 8.05 0.36
C ASN B 124 15.05 9.46 0.36
N ASP B 125 14.24 10.51 0.23
CA ASP B 125 14.76 11.88 0.36
C ASP B 125 15.13 12.18 1.81
N PRO B 126 16.41 12.52 2.07
CA PRO B 126 16.81 12.72 3.48
C PRO B 126 16.19 13.94 4.18
N GLU B 127 15.62 14.85 3.39
CA GLU B 127 14.81 15.94 3.93
C GLU B 127 13.39 15.52 4.30
N VAL B 128 12.99 14.29 3.93
CA VAL B 128 11.58 13.88 4.12
C VAL B 128 11.56 12.69 5.04
N LYS B 129 12.19 11.59 4.65
CA LYS B 129 12.29 10.41 5.49
C LYS B 129 10.90 10.01 6.01
N ALA B 130 10.73 9.89 7.32
CA ALA B 130 9.50 9.39 7.93
C ALA B 130 8.27 10.25 7.65
N ALA B 131 8.45 11.54 7.31
CA ALA B 131 7.35 12.37 6.84
C ALA B 131 6.62 11.73 5.66
N ALA B 132 7.25 10.75 4.99
CA ALA B 132 6.62 10.06 3.85
C ALA B 132 5.28 9.43 4.21
N TYR B 133 5.07 9.01 5.46
CA TYR B 133 3.81 8.35 5.79
C TYR B 133 2.67 9.29 6.05
N LEU B 134 2.95 10.59 6.00
CA LEU B 134 1.94 11.62 6.17
C LEU B 134 1.29 12.11 4.86
N THR B 135 1.56 11.44 3.74
CA THR B 135 0.89 11.75 2.46
C THR B 135 0.04 10.58 1.95
N LYS B 136 -1.05 10.93 1.27
CA LYS B 136 -1.93 9.99 0.60
C LYS B 136 -1.98 10.25 -0.91
N ALA B 137 -0.94 10.88 -1.48
CA ALA B 137 -0.85 11.07 -2.94
C ALA B 137 -1.24 9.75 -3.63
N SER B 138 -2.09 9.85 -4.66
CA SER B 138 -2.76 8.72 -5.31
C SER B 138 -2.86 8.98 -6.81
N ALA B 139 -3.23 7.95 -7.55
CA ALA B 139 -3.44 8.00 -8.98
C ALA B 139 -4.54 7.01 -9.39
N GLY B 140 -5.17 7.32 -10.52
CA GLY B 140 -6.21 6.47 -11.07
C GLY B 140 -6.53 6.72 -12.52
N ILE B 141 -7.49 5.94 -13.03
CA ILE B 141 -7.84 5.95 -14.44
C ILE B 141 -9.33 6.25 -14.47
N ILE B 142 -9.72 7.24 -15.28
CA ILE B 142 -11.15 7.54 -15.54
C ILE B 142 -11.30 7.62 -17.06
N GLY B 143 -12.04 6.67 -17.61
CA GLY B 143 -12.20 6.59 -19.05
C GLY B 143 -10.83 6.28 -19.60
N LYS B 144 -10.40 7.03 -20.59
CA LYS B 144 -9.09 6.79 -21.16
CA LYS B 144 -9.07 6.76 -21.12
C LYS B 144 -8.08 7.83 -20.65
N LYS B 145 -8.40 8.49 -19.55
CA LYS B 145 -7.55 9.54 -18.94
C LYS B 145 -6.92 9.07 -17.64
N ILE B 146 -5.71 9.56 -17.38
CA ILE B 146 -4.98 9.27 -16.14
C ILE B 146 -5.09 10.49 -15.23
N VAL B 147 -5.19 10.22 -13.94
CA VAL B 147 -5.33 11.23 -12.91
C VAL B 147 -4.29 11.01 -11.82
N TYR B 148 -3.53 12.04 -11.51
CA TYR B 148 -2.54 12.00 -10.41
C TYR B 148 -2.93 13.06 -9.38
N LEU B 149 -3.06 12.65 -8.14
CA LEU B 149 -3.40 13.56 -7.04
C LEU B 149 -2.16 13.73 -6.17
N LEU B 150 -1.54 14.91 -6.28
CA LEU B 150 -0.27 15.17 -5.67
C LEU B 150 -0.38 16.09 -4.44
N PRO B 151 0.65 16.04 -3.57
CA PRO B 151 0.71 16.92 -2.41
C PRO B 151 0.80 18.40 -2.78
N GLY B 152 0.51 19.25 -1.80
CA GLY B 152 0.68 20.70 -1.95
C GLY B 152 2.12 21.16 -2.02
N SER B 153 3.04 20.42 -1.38
CA SER B 153 4.47 20.78 -1.29
C SER B 153 5.17 20.82 -2.66
N PRO B 154 5.84 21.94 -2.98
CA PRO B 154 6.56 22.09 -4.24
C PRO B 154 7.61 21.02 -4.44
N ASP B 155 8.33 20.66 -3.37
CA ASP B 155 9.34 19.63 -3.50
C ASP B 155 8.73 18.26 -3.80
N ALA B 156 7.56 17.96 -3.19
CA ALA B 156 6.83 16.72 -3.43
C ALA B 156 6.34 16.61 -4.87
N VAL B 157 5.86 17.72 -5.41
CA VAL B 157 5.33 17.71 -6.75
C VAL B 157 6.47 17.52 -7.78
N LYS B 158 7.60 18.17 -7.54
CA LYS B 158 8.77 18.02 -8.39
C LYS B 158 9.22 16.56 -8.41
N LEU B 159 9.33 15.95 -7.25
CA LEU B 159 9.70 14.53 -7.12
C LEU B 159 8.76 13.61 -7.90
N ALA B 160 7.46 13.78 -7.67
CA ALA B 160 6.45 12.98 -8.37
C ALA B 160 6.56 13.11 -9.88
N LEU B 161 6.65 14.34 -10.37
CA LEU B 161 6.79 14.58 -11.83
CA LEU B 161 6.76 14.55 -11.81
C LEU B 161 8.03 13.96 -12.42
N LYS B 162 9.20 14.26 -11.83
CA LYS B 162 10.46 13.81 -12.43
C LYS B 162 10.64 12.33 -12.31
N GLU B 163 10.33 11.77 -11.14
CA GLU B 163 10.65 10.37 -10.91
C GLU B 163 9.57 9.39 -11.30
N LEU B 164 8.29 9.78 -11.19
CA LEU B 164 7.20 8.84 -11.38
C LEU B 164 6.26 9.11 -12.58
N ILE B 165 5.96 10.37 -12.86
CA ILE B 165 4.98 10.68 -13.91
C ILE B 165 5.65 10.79 -15.26
N LEU B 166 6.65 11.67 -15.40
CA LEU B 166 7.28 11.88 -16.71
C LEU B 166 7.82 10.58 -17.32
N PRO B 167 8.51 9.74 -16.53
CA PRO B 167 9.03 8.50 -17.13
C PRO B 167 8.02 7.44 -17.60
N GLU B 168 6.85 7.38 -17.00
CA GLU B 168 5.92 6.27 -17.20
C GLU B 168 4.60 6.65 -17.86
N VAL B 169 4.26 7.93 -17.89
CA VAL B 169 2.89 8.33 -18.26
C VAL B 169 2.57 8.03 -19.73
N GLY B 170 3.55 8.15 -20.62
CA GLY B 170 3.32 7.87 -22.04
C GLY B 170 2.88 6.43 -22.29
N HIS B 171 3.65 5.48 -21.75
CA HIS B 171 3.27 4.08 -21.86
C HIS B 171 1.95 3.76 -21.15
N LEU B 172 1.73 4.36 -20.00
CA LEU B 172 0.49 4.16 -19.28
C LEU B 172 -0.74 4.61 -20.09
N VAL B 173 -0.65 5.79 -20.70
CA VAL B 173 -1.74 6.30 -21.56
C VAL B 173 -2.03 5.34 -22.73
N TYR B 174 -0.96 4.84 -23.35
CA TYR B 174 -1.06 3.88 -24.43
C TYR B 174 -1.78 2.60 -23.95
N LEU B 175 -1.35 2.12 -22.80
CA LEU B 175 -1.84 0.87 -22.24
C LEU B 175 -3.33 0.94 -21.96
N VAL B 176 -3.76 2.00 -21.30
CA VAL B 176 -5.15 2.19 -20.92
CA VAL B 176 -5.15 2.13 -20.93
C VAL B 176 -6.06 2.32 -22.14
N ARG B 177 -5.49 2.80 -23.25
CA ARG B 177 -6.24 3.00 -24.50
C ARG B 177 -6.10 1.85 -25.51
N SER B 178 -5.40 0.78 -25.14
CA SER B 178 -5.11 -0.32 -26.04
C SER B 178 -6.27 -1.33 -26.12
N PRO C 13 9.60 21.38 21.35
CA PRO C 13 8.81 20.17 21.11
C PRO C 13 8.00 19.75 22.34
N LYS C 14 6.70 19.58 22.15
CA LYS C 14 5.84 19.08 23.21
C LYS C 14 6.33 17.75 23.81
N SER C 15 6.24 17.65 25.12
CA SER C 15 6.05 16.38 25.78
C SER C 15 4.61 15.95 25.47
N LEU C 16 4.45 14.73 24.98
CA LEU C 16 3.12 14.19 24.69
C LEU C 16 2.82 13.09 25.68
N ASN C 17 1.54 12.85 25.92
CA ASN C 17 1.07 11.79 26.80
C ASN C 17 0.67 10.56 25.99
N PHE C 18 1.28 9.42 26.32
CA PHE C 18 1.09 8.16 25.63
C PHE C 18 0.41 7.14 26.56
N TYR C 19 -0.45 6.33 25.95
CA TYR C 19 -1.01 5.17 26.61
C TYR C 19 -0.49 3.93 25.89
N VAL C 20 -0.03 2.94 26.64
CA VAL C 20 0.62 1.77 26.06
C VAL C 20 -0.24 0.53 26.29
N ILE C 21 -0.53 -0.21 25.24
CA ILE C 21 -1.37 -1.43 25.35
C ILE C 21 -0.61 -2.64 24.79
N THR C 22 -0.41 -3.65 25.63
CA THR C 22 0.24 -4.91 25.22
C THR C 22 -0.85 -5.94 24.97
N ILE C 23 -0.82 -6.55 23.78
CA ILE C 23 -1.81 -7.55 23.38
C ILE C 23 -1.04 -8.86 23.28
N SER C 24 -1.20 -9.70 24.32
CA SER C 24 -0.46 -10.96 24.46
C SER C 24 -1.25 -11.93 25.32
N THR C 25 -1.76 -12.98 24.70
CA THR C 25 -2.57 -13.99 25.39
C THR C 25 -1.76 -14.72 26.48
N SER C 26 -0.53 -15.11 26.17
CA SER C 26 0.29 -15.83 27.13
C SER C 26 0.55 -14.99 28.38
N ARG C 27 0.86 -13.72 28.20
CA ARG C 27 1.15 -12.83 29.32
C ARG C 27 -0.11 -12.49 30.10
N TYR C 28 -1.22 -12.30 29.40
CA TYR C 28 -2.48 -12.04 30.08
C TYR C 28 -2.87 -13.21 30.99
N GLU C 29 -2.72 -14.44 30.51
CA GLU C 29 -3.05 -15.62 31.29
C GLU C 29 -2.20 -15.73 32.56
N LYS C 30 -0.93 -15.36 32.46
CA LYS C 30 -0.05 -15.27 33.62
C LYS C 30 -0.51 -14.22 34.63
N LEU C 31 -0.94 -13.06 34.13
CA LEU C 31 -1.49 -12.00 34.97
C LEU C 31 -2.61 -12.55 35.86
N LEU C 32 -3.61 -13.16 35.23
CA LEU C 32 -4.75 -13.76 35.91
C LEU C 32 -4.32 -14.68 37.05
N LYS C 33 -3.30 -15.50 36.79
CA LYS C 33 -2.75 -16.41 37.80
C LYS C 33 -1.80 -15.73 38.81
N LYS C 34 -1.60 -14.42 38.68
CA LYS C 34 -0.73 -13.66 39.58
C LYS C 34 0.71 -14.17 39.52
N GLU C 35 1.19 -14.46 38.31
CA GLU C 35 2.57 -14.90 38.06
C GLU C 35 3.34 -13.78 37.35
N PRO C 36 4.69 -13.76 37.49
CA PRO C 36 5.53 -12.77 36.78
C PRO C 36 5.49 -12.96 35.26
N ILE C 37 5.58 -11.86 34.51
N ILE C 37 5.52 -11.85 34.51
CA ILE C 37 5.29 -11.92 33.07
CA ILE C 37 5.29 -11.90 33.05
C ILE C 37 6.43 -11.49 32.13
C ILE C 37 6.51 -11.57 32.18
N VAL C 38 7.22 -10.48 32.49
CA VAL C 38 8.15 -9.84 31.53
C VAL C 38 7.50 -9.42 30.18
N ASP C 39 7.28 -8.13 30.01
CA ASP C 39 6.74 -7.56 28.77
C ASP C 39 7.82 -6.74 28.09
N GLU C 40 8.69 -7.40 27.30
CA GLU C 40 9.84 -6.71 26.72
C GLU C 40 9.43 -5.55 25.81
N SER C 41 8.46 -5.78 24.94
CA SER C 41 8.06 -4.77 23.96
C SER C 41 7.40 -3.55 24.60
N GLY C 42 6.53 -3.77 25.58
CA GLY C 42 5.92 -2.66 26.31
C GLY C 42 6.95 -1.86 27.06
N ASP C 43 7.90 -2.56 27.67
CA ASP C 43 8.99 -1.94 28.41
C ASP C 43 9.86 -1.09 27.49
N ILE C 44 10.15 -1.61 26.29
CA ILE C 44 10.90 -0.85 25.28
C ILE C 44 10.20 0.46 24.89
N ILE C 45 8.88 0.36 24.65
CA ILE C 45 8.08 1.51 24.25
C ILE C 45 8.11 2.59 25.34
N LYS C 46 7.82 2.20 26.57
CA LYS C 46 7.84 3.11 27.73
C LYS C 46 9.22 3.80 27.90
N GLN C 47 10.29 3.00 27.85
CA GLN C 47 11.65 3.55 28.05
CA GLN C 47 11.68 3.48 28.01
C GLN C 47 12.03 4.52 26.95
N LEU C 48 11.73 4.19 25.70
CA LEU C 48 12.08 5.06 24.59
C LEU C 48 11.28 6.34 24.61
N LEU C 49 10.01 6.26 25.01
CA LEU C 49 9.17 7.45 25.10
C LEU C 49 9.66 8.40 26.19
N ILE C 50 9.88 7.85 27.38
CA ILE C 50 10.35 8.64 28.53
C ILE C 50 11.71 9.26 28.24
N GLU C 51 12.61 8.45 27.69
CA GLU C 51 13.94 8.89 27.29
C GLU C 51 13.89 10.04 26.28
N ASN C 52 12.81 10.13 25.50
CA ASN C 52 12.62 11.24 24.55
C ASN C 52 11.75 12.40 25.06
N GLY C 53 11.51 12.45 26.37
CA GLY C 53 10.80 13.56 26.98
C GLY C 53 9.27 13.44 27.01
N HIS C 54 8.74 12.26 26.66
CA HIS C 54 7.28 12.04 26.67
C HIS C 54 6.84 11.39 27.99
N LYS C 55 5.54 11.38 28.23
CA LYS C 55 4.97 10.78 29.45
C LYS C 55 4.12 9.55 29.14
N ILE C 56 4.16 8.57 30.03
CA ILE C 56 3.30 7.39 29.94
C ILE C 56 2.20 7.59 30.96
N ILE C 57 0.98 7.88 30.52
CA ILE C 57 -0.05 8.14 31.51
C ILE C 57 -0.99 6.96 31.71
N GLY C 58 -0.78 5.87 30.99
CA GLY C 58 -1.49 4.64 31.28
C GLY C 58 -0.95 3.42 30.55
N TYR C 59 -1.34 2.24 31.03
CA TYR C 59 -0.92 0.98 30.47
C TYR C 59 -1.96 -0.11 30.75
N SER C 60 -2.18 -0.99 29.77
CA SER C 60 -2.99 -2.17 30.01
C SER C 60 -2.46 -3.38 29.22
N LEU C 61 -2.85 -4.57 29.66
CA LEU C 61 -2.46 -5.83 29.05
C LEU C 61 -3.70 -6.66 28.83
N VAL C 62 -3.87 -7.13 27.59
CA VAL C 62 -5.07 -7.88 27.19
C VAL C 62 -4.67 -9.06 26.29
N PRO C 63 -5.53 -10.09 26.18
CA PRO C 63 -5.25 -11.19 25.27
C PRO C 63 -5.79 -10.89 23.87
N ASP C 64 -5.64 -11.84 22.95
CA ASP C 64 -6.20 -11.70 21.61
C ASP C 64 -7.71 -11.96 21.62
N ASP C 65 -8.47 -11.07 22.27
CA ASP C 65 -9.92 -11.19 22.37
C ASP C 65 -10.49 -9.87 21.91
N LYS C 66 -11.46 -9.91 21.00
CA LYS C 66 -11.97 -8.70 20.35
C LYS C 66 -12.52 -7.72 21.37
N ILE C 67 -13.46 -8.19 22.19
CA ILE C 67 -14.08 -7.32 23.19
C ILE C 67 -13.08 -6.75 24.18
N LYS C 68 -12.14 -7.57 24.66
CA LYS C 68 -11.11 -7.07 25.58
C LYS C 68 -10.17 -6.05 24.94
N ILE C 69 -9.85 -6.25 23.66
CA ILE C 69 -9.04 -5.28 22.89
C ILE C 69 -9.81 -3.97 22.70
N LEU C 70 -11.06 -4.06 22.29
CA LEU C 70 -11.91 -2.89 22.16
C LEU C 70 -12.00 -2.11 23.49
N LYS C 71 -12.22 -2.81 24.60
CA LYS C 71 -12.29 -2.17 25.91
C LYS C 71 -10.97 -1.47 26.31
N ALA C 72 -9.83 -2.11 26.04
CA ALA C 72 -8.53 -1.50 26.32
C ALA C 72 -8.38 -0.19 25.56
N PHE C 73 -8.74 -0.19 24.27
CA PHE C 73 -8.61 1.01 23.45
C PHE C 73 -9.58 2.12 23.83
N THR C 74 -10.84 1.77 24.12
CA THR C 74 -11.85 2.77 24.47
C THR C 74 -11.59 3.36 25.86
N ASP C 75 -11.15 2.55 26.81
CA ASP C 75 -10.66 3.07 28.09
C ASP C 75 -9.57 4.14 27.89
N ALA C 76 -8.59 3.88 27.02
CA ALA C 76 -7.53 4.85 26.74
C ALA C 76 -8.05 6.12 26.02
N LEU C 77 -8.93 5.92 25.04
CA LEU C 77 -9.53 7.02 24.28
C LEU C 77 -10.36 7.93 25.15
N SER C 78 -10.97 7.36 26.19
CA SER C 78 -11.79 8.09 27.14
C SER C 78 -11.03 8.98 28.13
N ILE C 79 -9.70 8.91 28.13
CA ILE C 79 -8.86 9.81 28.96
C ILE C 79 -8.48 11.04 28.13
N ASP C 80 -9.02 12.20 28.49
CA ASP C 80 -8.82 13.42 27.70
C ASP C 80 -7.35 13.74 27.48
N GLU C 81 -6.54 13.49 28.50
CA GLU C 81 -5.12 13.86 28.49
C GLU C 81 -4.27 13.00 27.54
N VAL C 82 -4.78 11.86 27.13
CA VAL C 82 -4.05 10.95 26.21
C VAL C 82 -3.93 11.58 24.83
N ASP C 83 -2.71 11.67 24.31
CA ASP C 83 -2.47 12.18 22.96
C ASP C 83 -2.29 11.05 21.95
N VAL C 84 -1.58 10.01 22.37
CA VAL C 84 -1.20 8.91 21.48
C VAL C 84 -1.38 7.58 22.18
N ILE C 85 -1.96 6.61 21.46
CA ILE C 85 -2.05 5.24 21.94
C ILE C 85 -1.14 4.39 21.05
N ILE C 86 -0.29 3.59 21.70
CA ILE C 86 0.59 2.66 21.00
C ILE C 86 0.32 1.27 21.57
N SER C 87 -0.05 0.33 20.70
CA SER C 87 -0.17 -1.08 21.10
C SER C 87 0.93 -1.96 20.49
N THR C 88 1.21 -3.07 21.15
CA THR C 88 2.16 -4.04 20.65
C THR C 88 1.52 -5.41 20.72
N GLY C 89 1.45 -6.07 19.56
CA GLY C 89 1.02 -7.45 19.47
C GLY C 89 -0.16 -7.66 18.54
N GLY C 90 -0.16 -8.81 17.87
CA GLY C 90 -1.33 -9.28 17.14
C GLY C 90 -1.55 -8.68 15.77
N THR C 91 -0.47 -8.26 15.10
CA THR C 91 -0.59 -7.60 13.78
C THR C 91 -0.08 -8.47 12.61
N GLY C 92 0.17 -9.75 12.87
CA GLY C 92 0.60 -10.69 11.83
C GLY C 92 -0.48 -11.62 11.32
N TYR C 93 -0.07 -12.79 10.83
CA TYR C 93 -0.98 -13.72 10.14
C TYR C 93 -1.19 -15.03 10.90
N SER C 94 -0.83 -15.06 12.17
CA SER C 94 -1.31 -16.09 13.05
C SER C 94 -2.83 -16.06 13.08
N PRO C 95 -3.48 -17.24 13.14
CA PRO C 95 -4.94 -17.23 13.15
C PRO C 95 -5.55 -16.41 14.29
N THR C 96 -4.80 -16.20 15.38
CA THR C 96 -5.32 -15.48 16.53
C THR C 96 -4.99 -13.98 16.54
N ASP C 97 -4.21 -13.53 15.56
CA ASP C 97 -3.83 -12.10 15.44
C ASP C 97 -5.02 -11.34 14.89
N ILE C 98 -5.65 -10.51 15.72
CA ILE C 98 -6.89 -9.78 15.36
C ILE C 98 -6.83 -8.27 15.64
N THR C 99 -5.65 -7.76 15.99
CA THR C 99 -5.55 -6.37 16.45
C THR C 99 -5.96 -5.37 15.37
N VAL C 100 -5.43 -5.56 14.17
CA VAL C 100 -5.63 -4.60 13.09
C VAL C 100 -7.07 -4.65 12.61
N GLU C 101 -7.59 -5.87 12.48
CA GLU C 101 -8.94 -6.07 12.02
C GLU C 101 -9.92 -5.47 13.03
N THR C 102 -9.59 -5.55 14.31
CA THR C 102 -10.44 -4.99 15.37
C THR C 102 -10.42 -3.46 15.43
N ILE C 103 -9.23 -2.85 15.47
CA ILE C 103 -9.11 -1.42 15.77
C ILE C 103 -9.16 -0.52 14.54
N ARG C 104 -8.77 -1.07 13.40
CA ARG C 104 -8.70 -0.29 12.18
C ARG C 104 -10.08 0.21 11.81
N LYS C 105 -11.13 -0.53 12.22
CA LYS C 105 -12.51 -0.14 12.08
C LYS C 105 -12.87 1.17 12.77
N LEU C 106 -12.29 1.39 13.95
CA LEU C 106 -12.54 2.55 14.82
C LEU C 106 -11.94 3.86 14.31
N PHE C 107 -10.94 3.78 13.43
CA PHE C 107 -10.29 4.99 12.92
C PHE C 107 -11.29 5.96 12.29
N ASP C 108 -11.23 7.25 12.65
CA ASP C 108 -11.87 8.31 11.86
C ASP C 108 -11.21 8.36 10.48
N ARG C 109 -9.87 8.32 10.49
CA ARG C 109 -9.06 8.31 9.27
CA ARG C 109 -9.03 8.33 9.28
C ARG C 109 -7.88 7.34 9.49
N GLU C 110 -7.65 6.44 8.54
CA GLU C 110 -6.47 5.58 8.58
C GLU C 110 -5.29 6.40 8.06
N ILE C 111 -4.17 6.30 8.74
CA ILE C 111 -2.94 6.91 8.24
C ILE C 111 -2.36 5.85 7.32
N GLU C 112 -2.76 5.94 6.05
CA GLU C 112 -2.65 4.82 5.12
C GLU C 112 -1.20 4.37 4.87
N GLY C 113 -0.33 5.34 4.78
CA GLY C 113 1.06 5.10 4.43
C GLY C 113 1.92 4.58 5.56
N PHE C 114 1.42 4.59 6.80
CA PHE C 114 2.23 4.04 7.90
C PHE C 114 2.56 2.55 7.63
N SER C 115 1.58 1.80 7.13
CA SER C 115 1.76 0.38 6.86
CA SER C 115 1.75 0.37 6.86
C SER C 115 2.91 0.07 5.90
N ASP C 116 2.89 0.70 4.73
CA ASP C 116 3.90 0.42 3.74
C ASP C 116 5.26 1.05 4.08
N VAL C 117 5.28 2.23 4.70
CA VAL C 117 6.54 2.83 5.09
C VAL C 117 7.19 1.99 6.23
N PHE C 118 6.37 1.47 7.14
CA PHE C 118 6.90 0.55 8.15
C PHE C 118 7.52 -0.70 7.51
N ARG C 119 6.83 -1.25 6.53
CA ARG C 119 7.35 -2.40 5.80
C ARG C 119 8.60 -2.07 4.97
N LEU C 120 8.71 -0.83 4.47
CA LEU C 120 9.93 -0.37 3.79
C LEU C 120 11.18 -0.37 4.71
N VAL C 121 11.07 0.29 5.87
CA VAL C 121 12.12 0.35 6.87
CA VAL C 121 12.17 0.33 6.81
C VAL C 121 12.44 -1.07 7.36
N SER C 122 11.38 -1.87 7.55
CA SER C 122 11.55 -3.27 7.98
C SER C 122 12.33 -4.07 6.96
N PHE C 123 11.91 -3.99 5.70
CA PHE C 123 12.61 -4.68 4.60
C PHE C 123 14.10 -4.33 4.51
N ASN C 124 14.45 -3.06 4.73
CA ASN C 124 15.84 -2.60 4.74
C ASN C 124 16.63 -3.03 5.96
N ASP C 125 15.99 -3.59 6.98
CA ASP C 125 16.76 -4.17 8.08
C ASP C 125 17.27 -5.52 7.58
N PRO C 126 18.61 -5.72 7.50
CA PRO C 126 19.15 -6.95 6.92
CA PRO C 126 19.13 -6.95 6.90
C PRO C 126 18.77 -8.23 7.64
N GLU C 127 18.29 -8.11 8.88
CA GLU C 127 17.81 -9.25 9.65
C GLU C 127 16.32 -9.56 9.45
N VAL C 128 15.62 -8.71 8.69
CA VAL C 128 14.17 -8.85 8.47
C VAL C 128 13.93 -9.13 6.99
N LYS C 129 14.34 -8.20 6.12
CA LYS C 129 14.20 -8.40 4.68
C LYS C 129 12.75 -8.81 4.33
N ALA C 130 12.55 -9.93 3.63
CA ALA C 130 11.24 -10.35 3.13
C ALA C 130 10.20 -10.62 4.20
N ALA C 131 10.63 -10.94 5.42
CA ALA C 131 9.68 -11.04 6.53
C ALA C 131 8.82 -9.77 6.68
N ALA C 132 9.26 -8.66 6.09
CA ALA C 132 8.51 -7.41 6.07
C ALA C 132 7.06 -7.55 5.56
N TYR C 133 6.80 -8.41 4.57
CA TYR C 133 5.44 -8.51 4.06
C TYR C 133 4.49 -9.31 4.93
N LEU C 134 5.01 -9.89 6.02
CA LEU C 134 4.18 -10.60 6.96
C LEU C 134 3.63 -9.77 8.13
N THR C 135 3.83 -8.45 8.10
CA THR C 135 3.19 -7.58 9.12
C THR C 135 2.10 -6.65 8.54
N LYS C 136 1.14 -6.33 9.40
CA LYS C 136 0.08 -5.37 9.08
C LYS C 136 0.05 -4.19 10.05
N ALA C 137 1.19 -3.88 10.69
CA ALA C 137 1.29 -2.74 11.58
C ALA C 137 0.68 -1.54 10.87
N SER C 138 -0.16 -0.79 11.60
CA SER C 138 -0.99 0.27 11.05
C SER C 138 -1.07 1.44 12.02
N ALA C 139 -1.56 2.56 11.52
CA ALA C 139 -1.77 3.79 12.30
C ALA C 139 -3.04 4.49 11.83
N GLY C 140 -3.63 5.25 12.75
CA GLY C 140 -4.83 6.00 12.46
C GLY C 140 -5.08 7.11 13.42
N ILE C 141 -6.20 7.82 13.19
CA ILE C 141 -6.58 9.00 13.95
C ILE C 141 -8.01 8.75 14.49
N ILE C 142 -8.22 8.96 15.79
CA ILE C 142 -9.59 8.89 16.38
C ILE C 142 -9.74 10.13 17.24
N GLY C 143 -10.70 10.98 16.86
CA GLY C 143 -10.84 12.29 17.49
C GLY C 143 -9.56 13.05 17.21
N LYS C 144 -8.93 13.55 18.25
CA LYS C 144 -7.71 14.29 18.07
C LYS C 144 -6.54 13.49 18.62
N LYS C 145 -6.71 12.17 18.68
CA LYS C 145 -5.71 11.25 19.20
C LYS C 145 -5.14 10.38 18.06
N ILE C 146 -3.86 10.05 18.17
CA ILE C 146 -3.19 9.22 17.20
C ILE C 146 -3.06 7.82 17.77
N VAL C 147 -3.15 6.81 16.91
CA VAL C 147 -3.06 5.42 17.35
C VAL C 147 -2.10 4.68 16.43
N TYR C 148 -1.15 3.98 17.04
CA TYR C 148 -0.19 3.11 16.32
C TYR C 148 -0.38 1.68 16.79
N LEU C 149 -0.59 0.77 15.85
CA LEU C 149 -0.74 -0.67 16.14
C LEU C 149 0.50 -1.36 15.65
N LEU C 150 1.37 -1.74 16.59
CA LEU C 150 2.68 -2.26 16.25
C LEU C 150 2.76 -3.78 16.50
N PRO C 151 3.73 -4.44 15.86
CA PRO C 151 3.93 -5.86 16.10
C PRO C 151 4.34 -6.21 17.52
N GLY C 152 4.23 -7.49 17.83
CA GLY C 152 4.66 -8.04 19.12
C GLY C 152 6.16 -8.06 19.29
N SER C 153 6.89 -8.18 18.18
CA SER C 153 8.35 -8.35 18.20
C SER C 153 9.02 -7.13 18.81
N PRO C 154 9.90 -7.35 19.81
CA PRO C 154 10.69 -6.26 20.43
C PRO C 154 11.53 -5.45 19.44
N ASP C 155 12.14 -6.12 18.48
CA ASP C 155 12.93 -5.43 17.47
C ASP C 155 12.06 -4.56 16.57
N ALA C 156 10.85 -5.04 16.26
CA ALA C 156 9.94 -4.32 15.36
C ALA C 156 9.44 -3.03 16.02
N VAL C 157 9.13 -3.13 17.30
CA VAL C 157 8.65 -2.01 18.08
C VAL C 157 9.73 -0.95 18.22
N LYS C 158 10.98 -1.36 18.48
CA LYS C 158 12.07 -0.41 18.56
C LYS C 158 12.22 0.34 17.22
N LEU C 159 12.20 -0.42 16.13
CA LEU C 159 12.35 0.14 14.79
C LEU C 159 11.26 1.15 14.47
N ALA C 160 10.00 0.77 14.76
CA ALA C 160 8.87 1.67 14.56
C ALA C 160 9.04 2.96 15.35
N LEU C 161 9.44 2.84 16.63
CA LEU C 161 9.59 4.01 17.49
C LEU C 161 10.68 4.96 17.03
N LYS C 162 11.85 4.40 16.78
CA LYS C 162 13.02 5.19 16.43
C LYS C 162 12.91 5.80 15.04
N GLU C 163 12.45 5.04 14.07
CA GLU C 163 12.45 5.49 12.67
C GLU C 163 11.19 6.27 12.28
N LEU C 164 10.03 5.93 12.83
CA LEU C 164 8.75 6.49 12.31
C LEU C 164 7.94 7.28 13.31
N ILE C 165 7.83 6.81 14.56
CA ILE C 165 6.96 7.46 15.55
C ILE C 165 7.64 8.68 16.15
N LEU C 166 8.77 8.49 16.81
CA LEU C 166 9.39 9.59 17.52
C LEU C 166 9.64 10.83 16.64
N PRO C 167 10.17 10.65 15.42
CA PRO C 167 10.40 11.80 14.54
C PRO C 167 9.20 12.60 14.05
N GLU C 168 8.04 11.96 13.89
CA GLU C 168 6.88 12.61 13.24
C GLU C 168 5.66 12.79 14.11
N VAL C 169 5.63 12.16 15.28
CA VAL C 169 4.39 12.13 16.05
C VAL C 169 3.97 13.53 16.56
N GLY C 170 4.95 14.37 16.91
CA GLY C 170 4.67 15.76 17.34
C GLY C 170 3.93 16.55 16.28
N HIS C 171 4.47 16.52 15.06
CA HIS C 171 3.87 17.21 13.93
C HIS C 171 2.49 16.66 13.56
N LEU C 172 2.33 15.35 13.65
CA LEU C 172 1.06 14.73 13.36
C LEU C 172 -0.02 15.12 14.40
N VAL C 173 0.34 15.12 15.69
CA VAL C 173 -0.60 15.56 16.73
C VAL C 173 -1.00 17.01 16.47
N TYR C 174 -0.01 17.86 16.18
CA TYR C 174 -0.28 19.26 15.85
C TYR C 174 -1.27 19.37 14.68
N LEU C 175 -0.95 18.66 13.61
CA LEU C 175 -1.72 18.69 12.37
C LEU C 175 -3.19 18.29 12.56
N VAL C 176 -3.44 17.17 13.23
CA VAL C 176 -4.83 16.71 13.42
C VAL C 176 -5.63 17.61 14.34
N ARG C 177 -4.95 18.38 15.19
CA ARG C 177 -5.62 19.35 16.06
C ARG C 177 -5.68 20.76 15.48
N SER C 178 -5.22 20.90 14.24
CA SER C 178 -5.19 22.17 13.53
C SER C 178 -6.58 22.70 13.21
C1 PEG D . -17.87 -10.10 -16.65
O1 PEG D . -17.00 -9.55 -15.63
C2 PEG D . -18.00 -11.61 -16.48
O2 PEG D . -17.66 -12.26 -17.72
C3 PEG D . -18.29 -13.54 -17.86
C4 PEG D . -17.36 -14.52 -18.56
O4 PEG D . -16.25 -14.82 -17.73
MG MG E . 17.83 -7.56 -14.91
C1 GOL F . 6.69 -4.02 -13.30
O1 GOL F . 5.41 -3.42 -13.56
C2 GOL F . 6.71 -5.44 -12.67
O2 GOL F . 5.87 -6.28 -13.47
C3 GOL F . 8.18 -5.97 -12.62
O3 GOL F . 8.72 -6.43 -11.35
MG MG G . 16.66 17.44 -3.23
C1 PEG H . -15.25 13.58 -0.09
O1 PEG H . -14.87 14.51 0.92
C2 PEG H . -16.00 12.32 0.38
O2 PEG H . -17.29 12.61 0.93
C3 PEG H . -17.79 11.54 1.76
C4 PEG H . -17.89 11.98 3.23
O4 PEG H . -18.08 13.40 3.30
C1 PEG I . 13.54 14.22 -8.86
O1 PEG I . 14.55 14.02 -9.90
C2 PEG I . 13.49 15.52 -8.06
O2 PEG I . 13.56 15.17 -6.64
C3 PEG I . 13.56 16.21 -5.67
C4 PEG I . 12.18 16.88 -5.58
O4 PEG I . 11.81 17.24 -4.25
C1 GOL J . 1.34 25.36 0.25
O1 GOL J . 0.14 25.01 -0.39
C2 GOL J . 2.53 24.81 -0.53
O2 GOL J . 2.25 24.83 -1.91
C3 GOL J . 3.83 25.57 -0.18
O3 GOL J . 4.21 26.53 -1.16
C1 PEG K . 1.78 32.75 -10.14
C1 PEG K . 1.42 32.00 -11.73
O1 PEG K . 2.14 31.53 -9.54
O1 PEG K . 1.21 30.92 -12.65
C2 PEG K . 0.94 32.51 -11.38
C2 PEG K . 1.24 31.57 -10.28
O2 PEG K . -0.42 32.27 -11.00
O2 PEG K . -0.06 31.92 -9.78
C3 PEG K . -0.97 31.11 -11.64
C3 PEG K . -1.15 31.23 -10.43
C4 PEG K . -2.49 31.20 -11.51
C4 PEG K . -2.49 31.81 -9.99
O4 PEG K . -2.90 30.58 -10.28
O4 PEG K . -3.25 30.86 -9.24
C1 PEG L . 17.75 15.66 9.19
O1 PEG L . 17.09 16.30 8.09
C2 PEG L . 18.55 14.48 8.67
O2 PEG L . 18.77 13.50 9.69
C3 PEG L . 20.14 13.15 9.85
C4 PEG L . 20.34 12.04 10.88
O4 PEG L . 20.63 10.79 10.25
C1 PEG M . 5.06 7.87 -25.65
O1 PEG M . 3.75 8.45 -25.61
C2 PEG M . 5.03 6.40 -25.28
O2 PEG M . 4.47 5.62 -26.35
C3 PEG M . 3.88 4.38 -25.95
C4 PEG M . 4.91 3.44 -25.34
O4 PEG M . 4.44 2.08 -25.43
C1 PEG N . -19.48 21.59 0.12
O1 PEG N . -18.96 20.98 -1.03
C2 PEG N . -20.22 20.54 0.89
O2 PEG N . -19.27 19.77 1.64
C3 PEG N . -19.54 18.36 1.52
C4 PEG N . -19.22 17.65 2.83
O4 PEG N . -18.68 16.34 2.61
C1 PEG O . 15.03 9.55 12.42
O1 PEG O . 15.48 10.36 13.51
C2 PEG O . 15.90 8.32 12.28
O2 PEG O . 16.15 7.77 13.57
C3 PEG O . 17.53 7.60 13.87
C4 PEG O . 17.71 6.73 15.10
O4 PEG O . 17.67 5.35 14.72
#